data_3DWO
#
_entry.id   3DWO
#
_cell.length_a   56.777
_cell.length_b   233.054
_cell.length_c   81.899
_cell.angle_alpha   90.000
_cell.angle_beta   90.000
_cell.angle_gamma   90.000
#
_symmetry.space_group_name_H-M   'C 2 2 21'
#
loop_
_entity.id
_entity.type
_entity.pdbx_description
1 polymer 'Probable outer membrane protein'
2 non-polymer 'SULFATE ION'
3 non-polymer (HYDROXYETHYLOXY)TRI(ETHYLOXY)OCTANE
4 water water
#
_entity_poly.entity_id   1
_entity_poly.type   'polypeptide(L)'
_entity_poly.pdbx_seq_one_letter_code
;AGFMVPTTNTAGWGRAMAGGSLFPNDPSAAFNNPAAMAFIDKRIAQLTVNYADIDIKYNGDAYDYQGNPMTGGYQDGPGT
PELGTNDGGQAGFGAWLPTGFLVVPINDRFAFGLSQVVPMGMRSTWDPNWKGRDFAVDTKIETIGLTGSLSFKVNDNFSL
GAGVIIQRTSGFVSQNLDLYASAANSPGMGGIPFPASNSSALMRVKVDNTSPGFFAGAVWKPTDRDTLGFAYHAKIRNKL
KGHYNLYDHDGGLTEGAIEGGTPGLAYPGLDLRMGASASARLDIPAYASLDWVHQFNDRLSLGASATWTEWSSFQDLTLK
SHGNTIVSIPYTYRNTWTLAVGGDYKVTDQWTMRAGVAYDQTPTHNATRDPRIPDGDRYFASLGAGYRFQSMPELSIDAA
YSRQFVKEVPLKTVNQDRLGGGRLDGRATSKGQVFSLSATYDFHHHHHHHH
;
_entity_poly.pdbx_strand_id   X
#
loop_
_chem_comp.id
_chem_comp.type
_chem_comp.name
_chem_comp.formula
C8E non-polymer (HYDROXYETHYLOXY)TRI(ETHYLOXY)OCTANE 'C16 H34 O5'
SO4 non-polymer 'SULFATE ION' 'O4 S -2'
#
# COMPACT_ATOMS: atom_id res chain seq x y z
N ALA A 1 -2.90 7.28 1.71
CA ALA A 1 -2.43 6.06 2.43
C ALA A 1 -1.31 5.31 1.71
N GLY A 2 -0.68 5.96 0.74
CA GLY A 2 0.43 5.35 0.00
C GLY A 2 0.15 3.92 -0.43
N PHE A 3 0.89 2.97 0.13
CA PHE A 3 0.63 1.58 -0.24
C PHE A 3 0.17 0.71 0.92
N MET A 4 -0.40 1.35 1.93
CA MET A 4 -0.95 0.62 3.07
C MET A 4 -2.43 0.46 2.77
N VAL A 5 -2.99 -0.69 3.12
CA VAL A 5 -4.38 -0.97 2.84
C VAL A 5 -5.19 -1.21 4.11
N PRO A 6 -6.45 -0.77 4.13
CA PRO A 6 -7.32 -0.96 5.31
C PRO A 6 -7.52 -2.45 5.53
N THR A 7 -7.33 -2.91 6.77
CA THR A 7 -7.48 -4.32 7.11
C THR A 7 -8.78 -4.55 7.88
N THR A 8 -9.90 -4.49 7.16
CA THR A 8 -11.23 -4.66 7.77
C THR A 8 -12.08 -5.66 7.01
N ASN A 9 -13.34 -5.79 7.43
CA ASN A 9 -14.28 -6.67 6.77
C ASN A 9 -15.28 -5.80 6.02
N THR A 10 -16.26 -6.44 5.37
CA THR A 10 -17.25 -5.70 4.60
C THR A 10 -18.03 -4.69 5.42
N ALA A 11 -18.39 -5.05 6.64
CA ALA A 11 -19.13 -4.15 7.51
C ALA A 11 -18.29 -2.88 7.68
N GLY A 12 -17.00 -3.07 7.96
CA GLY A 12 -16.10 -1.93 8.11
C GLY A 12 -16.08 -1.06 6.87
N TRP A 13 -15.96 -1.69 5.70
CA TRP A 13 -15.94 -0.94 4.45
C TRP A 13 -17.22 -0.15 4.27
N GLY A 14 -18.33 -0.74 4.73
CA GLY A 14 -19.63 -0.08 4.61
C GLY A 14 -19.74 1.23 5.37
N ARG A 15 -18.96 1.38 6.43
CA ARG A 15 -18.99 2.62 7.20
C ARG A 15 -17.66 3.37 7.17
N ALA A 16 -16.92 3.20 6.08
CA ALA A 16 -15.63 3.85 5.89
C ALA A 16 -14.68 3.59 7.05
N MET A 17 -14.75 2.38 7.61
CA MET A 17 -13.89 1.98 8.72
C MET A 17 -14.10 2.77 10.03
N ALA A 18 -15.17 3.56 10.09
CA ALA A 18 -15.43 4.35 11.30
C ALA A 18 -15.73 3.46 12.49
N GLY A 19 -15.08 3.74 13.61
CA GLY A 19 -15.29 2.95 14.81
C GLY A 19 -14.36 1.75 14.88
N GLY A 20 -13.56 1.57 13.83
CA GLY A 20 -12.62 0.46 13.82
C GLY A 20 -13.34 -0.86 14.00
N SER A 21 -12.88 -1.67 14.93
CA SER A 21 -13.49 -2.97 15.18
C SER A 21 -14.21 -3.02 16.52
N LEU A 22 -14.64 -1.85 17.00
CA LEU A 22 -15.34 -1.78 18.29
C LEU A 22 -16.84 -2.04 18.26
N PHE A 23 -17.42 -2.21 17.07
CA PHE A 23 -18.85 -2.49 16.98
C PHE A 23 -19.06 -3.90 17.54
N PRO A 24 -20.24 -4.15 18.16
CA PRO A 24 -20.59 -5.44 18.76
C PRO A 24 -20.25 -6.70 17.96
N ASN A 25 -19.49 -7.59 18.59
CA ASN A 25 -19.09 -8.86 18.00
C ASN A 25 -18.51 -8.79 16.59
N ASP A 26 -17.50 -7.95 16.42
CA ASP A 26 -16.85 -7.79 15.12
C ASP A 26 -15.53 -8.57 15.15
N PRO A 27 -15.50 -9.72 14.47
CA PRO A 27 -14.32 -10.58 14.41
C PRO A 27 -13.04 -9.93 13.89
N SER A 28 -13.16 -8.80 13.20
CA SER A 28 -11.98 -8.10 12.69
C SER A 28 -11.11 -7.63 13.84
N ALA A 29 -11.66 -7.69 15.05
CA ALA A 29 -10.91 -7.27 16.24
C ALA A 29 -9.70 -8.17 16.47
N ALA A 30 -9.75 -9.38 15.95
CA ALA A 30 -8.65 -10.33 16.10
C ALA A 30 -7.32 -9.71 15.68
N PHE A 31 -7.37 -8.72 14.79
CA PHE A 31 -6.15 -8.07 14.32
C PHE A 31 -6.10 -6.57 14.64
N ASN A 32 -7.15 -5.86 14.24
CA ASN A 32 -7.22 -4.41 14.43
C ASN A 32 -7.10 -3.92 15.89
N ASN A 33 -7.80 -4.56 16.81
CA ASN A 33 -7.68 -4.23 18.23
C ASN A 33 -8.08 -5.49 18.96
N PRO A 34 -7.09 -6.37 19.22
CA PRO A 34 -7.34 -7.62 19.93
C PRO A 34 -8.05 -7.49 21.28
N ALA A 35 -7.85 -6.36 21.96
CA ALA A 35 -8.48 -6.14 23.25
C ALA A 35 -10.01 -6.23 23.17
N ALA A 36 -10.59 -5.71 22.09
CA ALA A 36 -12.04 -5.72 21.91
C ALA A 36 -12.60 -7.13 21.85
N MET A 37 -11.72 -8.09 21.66
CA MET A 37 -12.09 -9.49 21.57
C MET A 37 -12.65 -9.98 22.92
N ALA A 38 -12.25 -9.31 23.99
CA ALA A 38 -12.68 -9.68 25.33
C ALA A 38 -14.18 -9.44 25.56
N PHE A 39 -14.83 -8.79 24.61
CA PHE A 39 -16.25 -8.51 24.74
C PHE A 39 -17.10 -9.23 23.71
N ILE A 40 -16.48 -10.16 23.00
CA ILE A 40 -17.19 -10.97 22.00
C ILE A 40 -17.58 -12.24 22.74
N ASP A 41 -18.87 -12.38 22.98
CA ASP A 41 -19.42 -13.50 23.74
C ASP A 41 -19.49 -14.88 23.08
N LYS A 42 -19.06 -15.02 21.84
CA LYS A 42 -19.12 -16.33 21.19
C LYS A 42 -18.13 -16.55 20.05
N ARG A 43 -18.11 -17.77 19.53
CA ARG A 43 -17.23 -18.15 18.43
C ARG A 43 -17.73 -17.53 17.13
N ILE A 44 -16.85 -16.87 16.41
CA ILE A 44 -17.22 -16.26 15.15
C ILE A 44 -16.16 -16.49 14.08
N ALA A 45 -16.60 -16.93 12.91
CA ALA A 45 -15.73 -17.19 11.77
C ALA A 45 -16.23 -16.27 10.66
N GLN A 46 -15.33 -15.57 9.99
CA GLN A 46 -15.75 -14.63 8.95
C GLN A 46 -14.79 -14.55 7.77
N LEU A 47 -15.35 -14.51 6.57
CA LEU A 47 -14.56 -14.40 5.35
C LEU A 47 -15.04 -13.19 4.54
N THR A 48 -14.09 -12.38 4.11
CA THR A 48 -14.39 -11.20 3.33
C THR A 48 -13.63 -11.25 2.01
N VAL A 49 -14.27 -10.80 0.94
CA VAL A 49 -13.63 -10.76 -0.36
C VAL A 49 -13.96 -9.41 -1.01
N ASN A 50 -12.93 -8.62 -1.24
CA ASN A 50 -13.09 -7.30 -1.86
C ASN A 50 -12.50 -7.28 -3.24
N TYR A 51 -13.02 -6.38 -4.07
CA TYR A 51 -12.47 -6.20 -5.40
C TYR A 51 -12.24 -4.70 -5.49
N ALA A 52 -10.97 -4.34 -5.65
CA ALA A 52 -10.61 -2.93 -5.74
C ALA A 52 -10.31 -2.56 -7.17
N ASP A 53 -10.99 -1.52 -7.64
CA ASP A 53 -10.83 -1.02 -8.98
C ASP A 53 -10.18 0.35 -8.86
N ILE A 54 -8.93 0.43 -9.30
CA ILE A 54 -8.15 1.67 -9.21
C ILE A 54 -7.78 2.20 -10.59
N ASP A 55 -8.07 3.48 -10.80
CA ASP A 55 -7.80 4.15 -12.05
C ASP A 55 -6.64 5.13 -11.85
N ILE A 56 -5.62 5.04 -12.69
CA ILE A 56 -4.46 5.92 -12.57
C ILE A 56 -4.04 6.47 -13.94
N LYS A 57 -3.87 7.79 -14.02
CA LYS A 57 -3.47 8.41 -15.27
C LYS A 57 -2.54 9.60 -15.05
N TYR A 58 -1.76 9.92 -16.09
CA TYR A 58 -0.82 11.02 -16.06
C TYR A 58 -1.12 11.94 -17.22
N ASN A 59 -0.94 13.23 -16.98
CA ASN A 59 -1.14 14.23 -18.02
C ASN A 59 -0.01 15.22 -17.77
N GLY A 60 0.87 15.40 -18.74
CA GLY A 60 1.97 16.31 -18.55
C GLY A 60 3.16 16.09 -19.45
N ASP A 61 4.30 16.60 -19.03
CA ASP A 61 5.53 16.52 -19.80
C ASP A 61 6.63 15.76 -19.07
N ALA A 62 7.69 15.45 -19.82
CA ALA A 62 8.87 14.76 -19.31
C ALA A 62 10.03 15.30 -20.14
N TYR A 63 11.18 15.48 -19.48
CA TYR A 63 12.37 16.00 -20.15
C TYR A 63 13.61 15.17 -19.86
N ASP A 64 14.57 15.20 -20.76
CA ASP A 64 15.82 14.48 -20.54
C ASP A 64 16.72 15.43 -19.75
N TYR A 65 17.92 14.98 -19.43
CA TYR A 65 18.84 15.78 -18.63
C TYR A 65 19.27 17.10 -19.29
N GLN A 66 19.04 17.24 -20.59
CA GLN A 66 19.42 18.47 -21.29
C GLN A 66 18.25 19.44 -21.47
N GLY A 67 17.10 19.10 -20.90
CA GLY A 67 15.94 19.96 -21.04
C GLY A 67 15.11 19.70 -22.29
N ASN A 68 15.49 18.68 -23.06
CA ASN A 68 14.73 18.36 -24.26
C ASN A 68 13.52 17.51 -23.94
N PRO A 69 12.43 17.70 -24.68
CA PRO A 69 11.25 16.89 -24.39
C PRO A 69 11.68 15.43 -24.61
N MET A 70 11.20 14.52 -23.80
CA MET A 70 11.56 13.12 -23.96
C MET A 70 10.96 12.61 -25.25
N THR A 71 11.62 11.64 -25.86
CA THR A 71 11.15 11.00 -27.09
C THR A 71 10.97 9.51 -26.77
N GLY A 72 10.58 8.73 -27.77
CA GLY A 72 10.40 7.31 -27.56
C GLY A 72 11.65 6.50 -27.83
N GLY A 73 12.75 7.18 -28.12
CA GLY A 73 14.00 6.52 -28.40
C GLY A 73 14.00 5.73 -29.70
N TYR A 74 14.69 4.60 -29.70
CA TYR A 74 14.80 3.75 -30.88
C TYR A 74 14.30 2.33 -30.62
N GLN A 75 13.92 1.66 -31.71
CA GLN A 75 13.44 0.29 -31.66
C GLN A 75 14.48 -0.58 -30.96
N ASP A 76 15.73 -0.49 -31.40
CA ASP A 76 16.81 -1.29 -30.82
C ASP A 76 18.15 -0.55 -30.86
N GLY A 77 18.15 0.72 -30.44
CA GLY A 77 19.39 1.49 -30.44
C GLY A 77 19.58 2.33 -31.69
N PRO A 78 20.62 3.18 -31.72
CA PRO A 78 20.92 4.05 -32.87
C PRO A 78 20.91 3.27 -34.17
N GLY A 79 20.39 3.89 -35.23
CA GLY A 79 20.36 3.21 -36.51
C GLY A 79 19.07 2.46 -36.81
N THR A 80 18.31 2.11 -35.79
CA THR A 80 17.05 1.42 -36.00
C THR A 80 15.95 2.49 -36.04
N PRO A 81 14.73 2.12 -36.44
CA PRO A 81 13.64 3.09 -36.51
C PRO A 81 13.31 3.81 -35.19
N GLU A 82 13.01 5.09 -35.29
CA GLU A 82 12.66 5.88 -34.12
C GLU A 82 11.26 5.52 -33.67
N LEU A 83 11.07 5.45 -32.36
CA LEU A 83 9.76 5.12 -31.80
C LEU A 83 9.12 6.37 -31.24
N GLY A 84 7.80 6.36 -31.15
CA GLY A 84 7.11 7.50 -30.59
C GLY A 84 6.91 7.21 -29.11
N THR A 85 6.52 8.22 -28.34
CA THR A 85 6.30 7.99 -26.92
C THR A 85 4.83 8.26 -26.62
N ASN A 86 4.44 8.27 -25.36
CA ASN A 86 3.05 8.48 -25.01
C ASN A 86 2.89 8.88 -23.53
N ASP A 87 1.64 9.09 -23.11
CA ASP A 87 1.34 9.51 -21.75
C ASP A 87 1.28 8.42 -20.69
N GLY A 88 1.64 7.20 -21.06
CA GLY A 88 1.61 6.12 -20.08
C GLY A 88 0.36 5.27 -20.12
N GLY A 89 -0.72 5.82 -20.65
CA GLY A 89 -1.98 5.08 -20.72
C GLY A 89 -2.60 4.91 -19.34
N GLN A 90 -3.50 3.94 -19.23
CA GLN A 90 -4.18 3.64 -17.96
C GLN A 90 -3.26 2.69 -17.15
N ALA A 91 -2.69 3.21 -16.06
CA ALA A 91 -1.76 2.45 -15.23
C ALA A 91 -2.42 1.76 -14.03
N GLY A 92 -3.74 1.89 -13.93
CA GLY A 92 -4.48 1.29 -12.84
C GLY A 92 -4.64 -0.22 -12.94
N PHE A 93 -5.43 -0.78 -12.03
CA PHE A 93 -5.67 -2.22 -11.98
C PHE A 93 -6.98 -2.57 -11.30
N GLY A 94 -7.24 -3.87 -11.25
CA GLY A 94 -8.40 -4.42 -10.59
C GLY A 94 -7.78 -5.57 -9.83
N ALA A 95 -8.11 -5.73 -8.55
CA ALA A 95 -7.53 -6.81 -7.77
C ALA A 95 -8.47 -7.36 -6.71
N TRP A 96 -8.28 -8.63 -6.37
CA TRP A 96 -9.09 -9.27 -5.36
C TRP A 96 -8.29 -9.27 -4.06
N LEU A 97 -8.98 -8.99 -2.95
CA LEU A 97 -8.32 -8.97 -1.65
C LEU A 97 -9.15 -9.69 -0.61
N PRO A 98 -8.73 -10.91 -0.25
CA PRO A 98 -9.42 -11.74 0.75
C PRO A 98 -9.00 -11.31 2.14
N THR A 99 -9.85 -11.62 3.12
CA THR A 99 -9.56 -11.31 4.51
C THR A 99 -10.35 -12.29 5.36
N GLY A 100 -9.69 -12.85 6.37
CA GLY A 100 -10.36 -13.81 7.23
C GLY A 100 -10.16 -13.53 8.70
N PHE A 101 -11.22 -13.72 9.49
CA PHE A 101 -11.15 -13.49 10.92
C PHE A 101 -11.83 -14.62 11.69
N LEU A 102 -11.21 -15.00 12.79
CA LEU A 102 -11.76 -16.04 13.65
C LEU A 102 -11.54 -15.64 15.10
N VAL A 103 -12.60 -15.64 15.88
CA VAL A 103 -12.51 -15.30 17.29
C VAL A 103 -13.09 -16.43 18.11
N VAL A 104 -12.30 -16.92 19.06
CA VAL A 104 -12.70 -18.02 19.92
C VAL A 104 -12.47 -17.71 21.39
N PRO A 105 -13.54 -17.36 22.13
CA PRO A 105 -13.36 -17.06 23.55
C PRO A 105 -12.91 -18.33 24.28
N ILE A 106 -11.87 -18.20 25.11
CA ILE A 106 -11.32 -19.33 25.84
C ILE A 106 -11.96 -19.46 27.22
N ASN A 107 -11.73 -18.45 28.05
CA ASN A 107 -12.28 -18.40 29.41
C ASN A 107 -13.11 -17.13 29.53
N ASP A 108 -13.61 -16.85 30.72
CA ASP A 108 -14.39 -15.65 30.90
C ASP A 108 -13.41 -14.49 31.05
N ARG A 109 -12.15 -14.75 30.73
CA ARG A 109 -11.12 -13.74 30.84
C ARG A 109 -10.23 -13.72 29.59
N PHE A 110 -10.23 -14.82 28.85
CA PHE A 110 -9.39 -14.95 27.67
C PHE A 110 -10.12 -15.31 26.38
N ALA A 111 -9.63 -14.74 25.27
CA ALA A 111 -10.18 -14.99 23.95
C ALA A 111 -9.00 -15.13 22.99
N PHE A 112 -9.19 -15.93 21.94
CA PHE A 112 -8.14 -16.17 20.96
C PHE A 112 -8.56 -15.64 19.59
N GLY A 113 -7.62 -15.02 18.88
CA GLY A 113 -7.92 -14.48 17.57
C GLY A 113 -6.98 -14.93 16.48
N LEU A 114 -7.55 -15.23 15.32
CA LEU A 114 -6.80 -15.68 14.15
C LEU A 114 -7.27 -14.88 12.95
N SER A 115 -6.36 -14.54 12.05
CA SER A 115 -6.77 -13.78 10.87
C SER A 115 -5.78 -13.79 9.72
N GLN A 116 -6.31 -13.57 8.53
CA GLN A 116 -5.52 -13.48 7.31
C GLN A 116 -5.80 -12.07 6.85
N VAL A 117 -4.76 -11.28 6.72
CA VAL A 117 -4.88 -9.87 6.34
C VAL A 117 -3.95 -9.45 5.19
N VAL A 118 -4.24 -8.29 4.61
CA VAL A 118 -3.45 -7.71 3.52
C VAL A 118 -3.12 -6.27 3.91
N PRO A 119 -2.06 -6.07 4.71
CA PRO A 119 -1.63 -4.75 5.18
C PRO A 119 -1.12 -3.80 4.11
N MET A 120 -0.46 -4.35 3.09
CA MET A 120 0.13 -3.53 2.05
C MET A 120 -0.23 -4.00 0.65
N GLY A 121 -0.43 -3.03 -0.24
CA GLY A 121 -0.76 -3.37 -1.61
C GLY A 121 -0.92 -2.16 -2.51
N MET A 122 -0.24 -2.20 -3.66
CA MET A 122 -0.33 -1.12 -4.64
C MET A 122 0.20 -1.64 -5.96
N ARG A 123 -0.22 -1.01 -7.04
CA ARG A 123 0.20 -1.46 -8.35
C ARG A 123 0.02 -0.35 -9.36
N SER A 124 1.00 -0.18 -10.24
CA SER A 124 0.90 0.81 -11.29
C SER A 124 1.77 0.29 -12.43
N THR A 125 1.19 0.23 -13.63
CA THR A 125 1.92 -0.26 -14.79
C THR A 125 1.76 0.71 -15.96
N TRP A 126 2.82 1.46 -16.25
CA TRP A 126 2.77 2.43 -17.34
C TRP A 126 3.30 1.77 -18.61
N ASP A 127 2.80 2.22 -19.76
CA ASP A 127 3.25 1.69 -21.03
C ASP A 127 4.77 1.80 -21.01
N PRO A 128 5.48 0.71 -21.34
CA PRO A 128 6.95 0.63 -21.38
C PRO A 128 7.69 1.74 -22.11
N ASN A 129 7.07 2.29 -23.15
CA ASN A 129 7.75 3.34 -23.90
C ASN A 129 7.20 4.73 -23.63
N TRP A 130 6.50 4.91 -22.51
CA TRP A 130 5.94 6.22 -22.20
C TRP A 130 7.02 7.24 -21.84
N LYS A 131 6.65 8.51 -21.90
CA LYS A 131 7.57 9.62 -21.64
C LYS A 131 8.21 9.63 -20.26
N GLY A 132 7.58 8.95 -19.31
CA GLY A 132 8.13 8.90 -17.97
C GLY A 132 8.83 7.57 -17.67
N ARG A 133 9.19 6.82 -18.70
CA ARG A 133 9.82 5.51 -18.49
C ARG A 133 11.13 5.53 -17.71
N ASP A 134 11.83 6.67 -17.70
CA ASP A 134 13.09 6.76 -16.94
C ASP A 134 12.81 6.82 -15.44
N PHE A 135 11.55 6.99 -15.07
CA PHE A 135 11.16 7.08 -13.66
C PHE A 135 10.40 5.87 -13.18
N ALA A 136 9.63 5.25 -14.08
CA ALA A 136 8.86 4.09 -13.71
C ALA A 136 8.13 3.44 -14.87
N VAL A 137 8.02 2.12 -14.79
CA VAL A 137 7.29 1.36 -15.78
C VAL A 137 6.30 0.57 -14.93
N ASP A 138 6.77 -0.49 -14.28
CA ASP A 138 5.89 -1.29 -13.42
C ASP A 138 6.25 -1.23 -11.94
N THR A 139 5.22 -1.24 -11.09
CA THR A 139 5.40 -1.22 -9.65
C THR A 139 4.32 -2.12 -9.05
N LYS A 140 4.75 -3.13 -8.30
CA LYS A 140 3.83 -4.06 -7.69
C LYS A 140 4.29 -4.41 -6.28
N ILE A 141 3.41 -4.20 -5.30
CA ILE A 141 3.70 -4.47 -3.90
C ILE A 141 2.49 -5.11 -3.24
N GLU A 142 2.71 -6.21 -2.52
CA GLU A 142 1.62 -6.82 -1.80
C GLU A 142 2.17 -7.51 -0.57
N THR A 143 1.48 -7.31 0.55
CA THR A 143 1.86 -7.90 1.82
C THR A 143 0.66 -8.64 2.37
N ILE A 144 0.84 -9.93 2.67
CA ILE A 144 -0.24 -10.73 3.22
C ILE A 144 0.27 -11.27 4.55
N GLY A 145 -0.56 -11.20 5.57
CA GLY A 145 -0.15 -11.70 6.87
C GLY A 145 -1.12 -12.64 7.55
N LEU A 146 -0.56 -13.55 8.33
CA LEU A 146 -1.34 -14.51 9.11
C LEU A 146 -1.14 -14.06 10.55
N THR A 147 -2.22 -13.96 11.30
CA THR A 147 -2.15 -13.46 12.67
C THR A 147 -2.70 -14.34 13.78
N GLY A 148 -2.16 -14.14 14.98
CA GLY A 148 -2.60 -14.86 16.15
C GLY A 148 -2.64 -13.84 17.28
N SER A 149 -3.75 -13.73 18.00
CA SER A 149 -3.82 -12.77 19.08
C SER A 149 -4.54 -13.29 20.32
N LEU A 150 -4.36 -12.57 21.42
CA LEU A 150 -4.95 -12.96 22.67
C LEU A 150 -5.49 -11.72 23.39
N SER A 151 -6.64 -11.85 24.05
CA SER A 151 -7.21 -10.73 24.79
C SER A 151 -7.40 -11.13 26.24
N PHE A 152 -7.23 -10.17 27.14
CA PHE A 152 -7.40 -10.42 28.57
C PHE A 152 -8.31 -9.37 29.19
N LYS A 153 -9.42 -9.80 29.76
CA LYS A 153 -10.35 -8.89 30.39
C LYS A 153 -9.92 -8.56 31.81
N VAL A 154 -9.64 -7.29 32.07
CA VAL A 154 -9.20 -6.83 33.39
C VAL A 154 -10.44 -6.54 34.25
N ASN A 155 -11.37 -5.80 33.67
CA ASN A 155 -12.64 -5.44 34.33
C ASN A 155 -13.73 -5.63 33.30
N ASP A 156 -14.95 -5.25 33.68
CA ASP A 156 -16.07 -5.37 32.77
C ASP A 156 -16.11 -4.05 31.99
N ASN A 157 -15.12 -3.21 32.23
CA ASN A 157 -15.02 -1.91 31.57
C ASN A 157 -13.65 -1.70 30.93
N PHE A 158 -12.77 -2.70 31.04
CA PHE A 158 -11.44 -2.56 30.49
C PHE A 158 -10.79 -3.90 30.17
N SER A 159 -10.04 -3.93 29.06
CA SER A 159 -9.36 -5.14 28.64
C SER A 159 -8.12 -4.77 27.83
N LEU A 160 -7.23 -5.73 27.68
CA LEU A 160 -6.00 -5.54 26.93
C LEU A 160 -5.89 -6.63 25.88
N GLY A 161 -5.04 -6.41 24.89
CA GLY A 161 -4.88 -7.39 23.84
C GLY A 161 -3.50 -7.33 23.24
N ALA A 162 -3.02 -8.46 22.72
CA ALA A 162 -1.70 -8.52 22.11
C ALA A 162 -1.69 -9.60 21.05
N GLY A 163 -0.89 -9.42 20.02
CA GLY A 163 -0.81 -10.40 18.96
C GLY A 163 0.45 -10.33 18.16
N VAL A 164 0.66 -11.36 17.34
CA VAL A 164 1.82 -11.43 16.48
C VAL A 164 1.35 -11.67 15.07
N ILE A 165 1.99 -11.02 14.11
CA ILE A 165 1.62 -11.22 12.72
C ILE A 165 2.82 -11.73 11.94
N ILE A 166 2.63 -12.81 11.20
CA ILE A 166 3.72 -13.34 10.39
C ILE A 166 3.39 -12.83 9.00
N GLN A 167 4.24 -11.93 8.55
CA GLN A 167 4.05 -11.24 7.29
C GLN A 167 4.94 -11.67 6.12
N ARG A 168 4.34 -11.70 4.93
CA ARG A 168 5.06 -12.04 3.72
C ARG A 168 4.84 -10.92 2.70
N THR A 169 5.91 -10.29 2.26
CA THR A 169 5.84 -9.22 1.28
C THR A 169 6.57 -9.57 0.00
N SER A 170 5.95 -9.28 -1.14
CA SER A 170 6.59 -9.52 -2.42
C SER A 170 6.57 -8.15 -3.10
N GLY A 171 7.65 -7.81 -3.77
CA GLY A 171 7.72 -6.52 -4.43
C GLY A 171 8.41 -6.61 -5.78
N PHE A 172 7.97 -5.76 -6.70
CA PHE A 172 8.56 -5.71 -8.02
C PHE A 172 8.61 -4.28 -8.55
N VAL A 173 9.73 -3.93 -9.15
CA VAL A 173 9.91 -2.59 -9.72
C VAL A 173 10.70 -2.69 -11.02
N SER A 174 10.22 -2.04 -12.06
CA SER A 174 10.92 -2.02 -13.33
C SER A 174 11.02 -0.54 -13.69
N GLN A 175 12.07 -0.18 -14.41
CA GLN A 175 12.28 1.22 -14.75
C GLN A 175 13.33 1.24 -15.84
N ASN A 176 13.21 2.19 -16.76
CA ASN A 176 14.19 2.30 -17.84
C ASN A 176 15.46 2.96 -17.34
N LEU A 177 16.60 2.48 -17.83
CA LEU A 177 17.89 3.06 -17.47
C LEU A 177 18.52 3.51 -18.77
N ASP A 178 19.10 4.70 -18.75
CA ASP A 178 19.77 5.29 -19.92
C ASP A 178 21.24 5.51 -19.52
N LEU A 179 22.09 4.50 -19.75
CA LEU A 179 23.51 4.60 -19.39
C LEU A 179 24.26 5.83 -19.91
N TYR A 180 24.01 6.23 -21.16
CA TYR A 180 24.69 7.40 -21.70
C TYR A 180 24.28 8.66 -20.93
N ALA A 181 22.99 8.76 -20.59
CA ALA A 181 22.50 9.91 -19.84
C ALA A 181 23.12 9.92 -18.46
N SER A 182 23.25 8.73 -17.86
CA SER A 182 23.85 8.62 -16.53
C SER A 182 25.32 9.04 -16.56
N ALA A 183 26.02 8.62 -17.61
CA ALA A 183 27.44 8.95 -17.78
C ALA A 183 27.66 10.46 -17.90
N ALA A 184 26.84 11.09 -18.75
CA ALA A 184 26.92 12.53 -18.98
C ALA A 184 26.88 13.33 -17.67
N ASN A 185 26.15 12.83 -16.68
CA ASN A 185 26.00 13.49 -15.39
C ASN A 185 26.93 12.94 -14.30
N SER A 186 27.73 11.94 -14.65
CA SER A 186 28.61 11.30 -13.68
C SER A 186 29.86 12.07 -13.26
N PRO A 187 30.41 11.73 -12.09
CA PRO A 187 31.62 12.42 -11.62
C PRO A 187 32.89 11.87 -12.28
N GLY A 188 32.75 10.76 -13.02
CA GLY A 188 33.91 10.16 -13.67
C GLY A 188 33.87 10.04 -15.20
N MET A 189 32.70 10.21 -15.78
CA MET A 189 32.56 10.08 -17.22
C MET A 189 31.82 11.25 -17.88
N GLY A 190 31.72 12.36 -17.18
CA GLY A 190 31.03 13.51 -17.74
C GLY A 190 31.91 14.23 -18.75
N GLY A 191 31.42 15.36 -19.26
CA GLY A 191 32.18 16.12 -20.23
C GLY A 191 31.55 16.15 -21.61
N ILE A 192 31.08 14.99 -22.07
CA ILE A 192 30.46 14.88 -23.38
C ILE A 192 28.95 14.74 -23.25
N PRO A 193 28.19 15.68 -23.82
CA PRO A 193 26.73 15.63 -23.74
C PRO A 193 26.13 14.51 -24.59
N PHE A 194 26.29 13.27 -24.18
CA PHE A 194 25.73 12.15 -24.93
C PHE A 194 24.22 12.37 -25.12
N PRO A 195 23.69 12.04 -26.30
CA PRO A 195 22.25 12.23 -26.50
C PRO A 195 21.45 11.23 -25.67
N ALA A 196 20.26 11.64 -25.23
CA ALA A 196 19.43 10.76 -24.42
C ALA A 196 18.65 9.76 -25.27
N SER A 197 18.21 8.69 -24.61
CA SER A 197 17.41 7.64 -25.25
C SER A 197 18.05 6.86 -26.39
N ASN A 198 19.38 6.83 -26.45
CA ASN A 198 20.08 6.04 -27.45
C ASN A 198 20.32 4.70 -26.79
N SER A 199 20.87 4.75 -25.58
CA SER A 199 21.09 3.53 -24.82
C SER A 199 19.81 3.38 -23.98
N SER A 200 19.36 2.13 -23.79
CA SER A 200 18.16 1.89 -22.99
C SER A 200 18.03 0.43 -22.63
N ALA A 201 17.74 0.20 -21.36
CA ALA A 201 17.57 -1.15 -20.84
C ALA A 201 16.55 -1.07 -19.71
N LEU A 202 15.73 -2.11 -19.60
CA LEU A 202 14.73 -2.14 -18.55
C LEU A 202 15.32 -2.80 -17.31
N MET A 203 15.43 -2.02 -16.24
CA MET A 203 15.93 -2.51 -14.97
C MET A 203 14.74 -3.19 -14.29
N ARG A 204 14.94 -4.41 -13.77
CA ARG A 204 13.87 -5.16 -13.11
C ARG A 204 14.32 -5.68 -11.76
N VAL A 205 13.55 -5.37 -10.73
CA VAL A 205 13.89 -5.81 -9.37
C VAL A 205 12.73 -6.63 -8.80
N LYS A 206 13.04 -7.85 -8.38
CA LYS A 206 12.04 -8.75 -7.81
C LYS A 206 12.55 -9.23 -6.46
N VAL A 207 11.83 -8.87 -5.40
CA VAL A 207 12.25 -9.23 -4.05
C VAL A 207 11.07 -9.68 -3.21
N ASP A 208 11.38 -10.42 -2.15
CA ASP A 208 10.36 -10.97 -1.25
C ASP A 208 10.95 -11.10 0.16
N ASN A 209 10.07 -11.21 1.15
CA ASN A 209 10.51 -11.38 2.54
C ASN A 209 9.38 -11.77 3.47
N THR A 210 9.73 -12.56 4.48
CA THR A 210 8.79 -13.01 5.50
C THR A 210 9.40 -12.64 6.84
N SER A 211 8.65 -11.90 7.66
CA SER A 211 9.13 -11.50 8.97
C SER A 211 7.95 -11.28 9.92
N PRO A 212 8.22 -11.30 11.24
CA PRO A 212 7.21 -11.12 12.30
C PRO A 212 6.96 -9.68 12.71
N GLY A 213 5.73 -9.43 13.14
CA GLY A 213 5.34 -8.11 13.60
C GLY A 213 4.51 -8.25 14.86
N PHE A 214 4.48 -7.19 15.67
CA PHE A 214 3.71 -7.24 16.90
C PHE A 214 2.76 -6.05 17.01
N PHE A 215 1.63 -6.28 17.67
CA PHE A 215 0.64 -5.23 17.88
C PHE A 215 -0.07 -5.49 19.20
N ALA A 216 -0.71 -4.45 19.74
CA ALA A 216 -1.42 -4.54 21.00
C ALA A 216 -2.55 -3.53 21.04
N GLY A 217 -3.44 -3.69 22.03
CA GLY A 217 -4.55 -2.78 22.13
C GLY A 217 -5.20 -2.77 23.50
N ALA A 218 -6.05 -1.78 23.72
CA ALA A 218 -6.77 -1.63 24.97
C ALA A 218 -8.16 -1.11 24.66
N VAL A 219 -9.14 -1.56 25.42
CA VAL A 219 -10.53 -1.13 25.24
C VAL A 219 -11.07 -0.69 26.59
N TRP A 220 -11.84 0.40 26.57
CA TRP A 220 -12.44 0.94 27.77
C TRP A 220 -13.91 1.28 27.52
N LYS A 221 -14.81 0.62 28.25
CA LYS A 221 -16.24 0.86 28.11
C LYS A 221 -16.72 1.61 29.34
N PRO A 222 -16.66 2.95 29.30
CA PRO A 222 -17.09 3.79 30.42
C PRO A 222 -18.56 3.72 30.80
N THR A 223 -19.44 3.81 29.81
CA THR A 223 -20.87 3.84 30.11
C THR A 223 -21.80 2.83 29.42
N ASP A 224 -21.30 1.64 29.11
CA ASP A 224 -22.14 0.63 28.45
C ASP A 224 -22.67 1.14 27.11
N ARG A 225 -22.65 2.46 26.93
CA ARG A 225 -23.10 3.10 25.70
C ARG A 225 -21.90 3.49 24.86
N ASP A 226 -20.80 3.78 25.53
CA ASP A 226 -19.57 4.20 24.87
C ASP A 226 -18.47 3.16 24.98
N THR A 227 -17.81 2.91 23.85
CA THR A 227 -16.71 1.96 23.80
C THR A 227 -15.55 2.70 23.16
N LEU A 228 -14.48 2.89 23.93
CA LEU A 228 -13.30 3.58 23.45
C LEU A 228 -12.20 2.55 23.24
N GLY A 229 -11.36 2.78 22.23
CA GLY A 229 -10.30 1.84 21.97
C GLY A 229 -9.02 2.47 21.45
N PHE A 230 -7.91 1.93 21.90
CA PHE A 230 -6.61 2.41 21.46
C PHE A 230 -5.86 1.18 20.96
N ALA A 231 -5.36 1.25 19.73
CA ALA A 231 -4.64 0.14 19.14
C ALA A 231 -3.31 0.61 18.59
N TYR A 232 -2.28 -0.21 18.78
CA TYR A 232 -0.97 0.14 18.26
C TYR A 232 -0.35 -1.03 17.52
N HIS A 233 0.09 -0.76 16.29
CA HIS A 233 0.75 -1.75 15.47
C HIS A 233 2.17 -1.25 15.25
N ALA A 234 3.13 -2.00 15.77
CA ALA A 234 4.53 -1.61 15.66
C ALA A 234 5.03 -1.76 14.24
N LYS A 235 6.06 -0.99 13.90
CA LYS A 235 6.66 -1.06 12.58
C LYS A 235 7.21 -2.47 12.39
N ILE A 236 7.09 -3.00 11.18
CA ILE A 236 7.60 -4.34 10.91
C ILE A 236 8.85 -4.25 10.04
N ARG A 237 9.99 -4.60 10.63
CA ARG A 237 11.27 -4.60 9.91
C ARG A 237 11.08 -5.56 8.76
N ASN A 238 11.39 -5.09 7.55
CA ASN A 238 11.14 -5.89 6.37
C ASN A 238 12.18 -5.65 5.26
N LYS A 239 13.24 -6.46 5.27
CA LYS A 239 14.29 -6.34 4.28
C LYS A 239 13.99 -7.33 3.14
N LEU A 240 13.56 -6.80 2.01
CA LEU A 240 13.22 -7.62 0.86
C LEU A 240 14.49 -8.12 0.18
N LYS A 241 14.47 -9.39 -0.23
CA LYS A 241 15.62 -9.99 -0.87
C LYS A 241 15.19 -10.70 -2.14
N GLY A 242 16.07 -10.68 -3.13
CA GLY A 242 15.78 -11.30 -4.41
C GLY A 242 16.89 -11.02 -5.43
N HIS A 243 16.51 -10.53 -6.59
CA HIS A 243 17.48 -10.26 -7.67
C HIS A 243 17.06 -9.07 -8.51
N TYR A 244 17.97 -8.63 -9.38
CA TYR A 244 17.68 -7.53 -10.31
C TYR A 244 18.38 -7.97 -11.58
N ASN A 245 17.83 -7.56 -12.72
CA ASN A 245 18.44 -7.87 -14.00
C ASN A 245 18.08 -6.73 -14.93
N LEU A 246 18.88 -6.56 -15.97
CA LEU A 246 18.64 -5.49 -16.92
C LEU A 246 18.29 -6.14 -18.25
N TYR A 247 17.14 -5.78 -18.80
CA TYR A 247 16.74 -6.31 -20.09
C TYR A 247 17.06 -5.24 -21.12
N ASP A 248 18.22 -5.37 -21.75
CA ASP A 248 18.64 -4.39 -22.75
C ASP A 248 17.98 -4.59 -24.12
N HIS A 249 17.61 -3.48 -24.74
CA HIS A 249 17.00 -3.46 -26.08
C HIS A 249 17.64 -2.22 -26.67
N ASP A 250 18.97 -2.30 -26.65
CA ASP A 250 19.90 -1.25 -27.04
C ASP A 250 20.76 -1.52 -28.27
N GLY A 251 20.68 -2.73 -28.80
CA GLY A 251 21.52 -3.06 -29.92
C GLY A 251 22.90 -3.37 -29.34
N GLY A 252 22.92 -3.71 -28.06
CA GLY A 252 24.18 -4.05 -27.40
C GLY A 252 24.92 -2.95 -26.64
N LEU A 253 24.41 -1.72 -26.67
CA LEU A 253 25.06 -0.60 -25.97
C LEU A 253 25.21 -0.83 -24.48
N THR A 254 24.10 -1.11 -23.81
CA THR A 254 24.10 -1.32 -22.38
C THR A 254 25.01 -2.47 -21.93
N GLU A 255 24.88 -3.63 -22.56
CA GLU A 255 25.69 -4.77 -22.18
C GLU A 255 27.16 -4.50 -22.46
N GLY A 256 27.43 -3.83 -23.58
CA GLY A 256 28.81 -3.52 -23.92
C GLY A 256 29.46 -2.66 -22.84
N ALA A 257 28.71 -1.67 -22.35
CA ALA A 257 29.22 -0.79 -21.31
C ALA A 257 29.44 -1.55 -20.02
N ILE A 258 28.44 -2.33 -19.62
CA ILE A 258 28.54 -3.09 -18.39
C ILE A 258 29.67 -4.09 -18.44
N GLU A 259 29.73 -4.88 -19.52
CA GLU A 259 30.80 -5.85 -19.63
C GLU A 259 32.14 -5.12 -19.73
N GLY A 260 32.09 -3.88 -20.19
CA GLY A 260 33.30 -3.10 -20.33
C GLY A 260 33.72 -2.46 -19.02
N GLY A 261 32.87 -2.58 -18.00
CA GLY A 261 33.16 -2.02 -16.69
C GLY A 261 33.12 -0.50 -16.65
N THR A 262 32.47 0.13 -17.62
CA THR A 262 32.42 1.60 -17.64
C THR A 262 31.56 2.22 -16.52
N PRO A 263 30.49 1.53 -16.07
CA PRO A 263 29.67 2.12 -15.01
C PRO A 263 30.43 2.46 -13.73
N GLY A 264 31.36 1.58 -13.35
CA GLY A 264 32.15 1.79 -12.15
C GLY A 264 33.13 2.93 -12.30
N LEU A 265 33.45 3.27 -13.54
CA LEU A 265 34.37 4.37 -13.80
C LEU A 265 33.58 5.68 -13.71
N ALA A 266 32.32 5.64 -14.15
CA ALA A 266 31.45 6.81 -14.10
C ALA A 266 31.08 7.13 -12.65
N TYR A 267 30.69 6.10 -11.90
CA TYR A 267 30.30 6.26 -10.51
C TYR A 267 31.14 5.34 -9.63
N PRO A 268 32.32 5.81 -9.20
CA PRO A 268 33.20 4.99 -8.37
C PRO A 268 32.39 4.41 -7.21
N GLY A 269 32.63 3.14 -6.88
CA GLY A 269 31.89 2.51 -5.80
C GLY A 269 30.65 1.78 -6.30
N LEU A 270 30.35 1.94 -7.59
CA LEU A 270 29.20 1.29 -8.17
C LEU A 270 29.61 -0.01 -8.85
N ASP A 271 28.92 -1.09 -8.53
CA ASP A 271 29.18 -2.38 -9.15
C ASP A 271 27.91 -2.87 -9.83
N LEU A 272 27.65 -2.34 -11.03
CA LEU A 272 26.48 -2.72 -11.78
C LEU A 272 26.78 -3.85 -12.77
N ARG A 273 25.86 -4.83 -12.83
CA ARG A 273 26.03 -5.97 -13.73
C ARG A 273 24.73 -6.18 -14.51
N MET A 274 24.73 -7.17 -15.40
CA MET A 274 23.53 -7.42 -16.19
C MET A 274 22.47 -8.10 -15.32
N GLY A 275 22.92 -8.62 -14.18
CA GLY A 275 22.03 -9.29 -13.26
C GLY A 275 22.78 -9.70 -12.00
N ALA A 276 22.13 -9.68 -10.85
CA ALA A 276 22.77 -10.05 -9.60
C ALA A 276 21.74 -10.15 -8.49
N SER A 277 22.14 -10.68 -7.34
CA SER A 277 21.22 -10.79 -6.21
C SER A 277 21.00 -9.37 -5.70
N ALA A 278 19.96 -9.15 -4.91
CA ALA A 278 19.67 -7.80 -4.43
C ALA A 278 18.79 -7.76 -3.19
N SER A 279 18.73 -6.59 -2.57
CA SER A 279 17.89 -6.40 -1.39
C SER A 279 17.40 -4.95 -1.36
N ALA A 280 16.37 -4.70 -0.56
CA ALA A 280 15.80 -3.37 -0.41
C ALA A 280 14.89 -3.38 0.81
N ARG A 281 15.17 -2.50 1.77
CA ARG A 281 14.34 -2.43 2.97
C ARG A 281 13.02 -1.76 2.60
N LEU A 282 11.93 -2.25 3.18
CA LEU A 282 10.61 -1.71 2.95
C LEU A 282 9.79 -2.04 4.20
N ASP A 283 10.20 -1.44 5.32
CA ASP A 283 9.52 -1.67 6.59
C ASP A 283 8.06 -1.26 6.55
N ILE A 284 7.19 -2.08 7.12
CA ILE A 284 5.78 -1.76 7.17
C ILE A 284 5.66 -0.75 8.31
N PRO A 285 5.21 0.48 8.00
CA PRO A 285 5.07 1.54 9.00
C PRO A 285 4.19 1.25 10.21
N ALA A 286 4.59 1.80 11.35
CA ALA A 286 3.87 1.65 12.59
C ALA A 286 2.67 2.60 12.53
N TYR A 287 1.62 2.27 13.24
CA TYR A 287 0.46 3.15 13.28
C TYR A 287 -0.36 2.90 14.53
N ALA A 288 -1.12 3.92 14.92
CA ALA A 288 -1.96 3.85 16.11
C ALA A 288 -3.32 4.40 15.76
N SER A 289 -4.37 3.81 16.31
CA SER A 289 -5.72 4.28 16.03
C SER A 289 -6.56 4.40 17.29
N LEU A 290 -7.35 5.46 17.35
CA LEU A 290 -8.22 5.72 18.48
C LEU A 290 -9.65 5.52 17.95
N ASP A 291 -10.40 4.60 18.56
CA ASP A 291 -11.77 4.34 18.12
C ASP A 291 -12.82 4.61 19.21
N TRP A 292 -13.97 5.09 18.77
CA TRP A 292 -15.07 5.39 19.68
C TRP A 292 -16.40 5.01 19.04
N VAL A 293 -17.16 4.17 19.75
CA VAL A 293 -18.46 3.74 19.27
C VAL A 293 -19.52 4.08 20.31
N HIS A 294 -20.49 4.88 19.90
CA HIS A 294 -21.57 5.27 20.79
C HIS A 294 -22.90 4.73 20.28
N GLN A 295 -23.62 4.03 21.15
CA GLN A 295 -24.91 3.47 20.79
C GLN A 295 -25.99 4.45 21.26
N PHE A 296 -26.65 5.11 20.32
CA PHE A 296 -27.70 6.07 20.61
C PHE A 296 -28.99 5.40 21.07
N ASN A 297 -29.33 4.29 20.43
CA ASN A 297 -30.52 3.53 20.77
C ASN A 297 -30.35 2.10 20.30
N ASP A 298 -31.41 1.31 20.40
CA ASP A 298 -31.36 -0.09 20.00
C ASP A 298 -31.26 -0.29 18.50
N ARG A 299 -31.18 0.79 17.74
CA ARG A 299 -31.08 0.67 16.29
C ARG A 299 -30.01 1.53 15.64
N LEU A 300 -29.50 2.53 16.36
CA LEU A 300 -28.51 3.41 15.78
C LEU A 300 -27.21 3.50 16.58
N SER A 301 -26.10 3.13 15.93
CA SER A 301 -24.79 3.19 16.54
C SER A 301 -23.86 3.95 15.60
N LEU A 302 -23.13 4.91 16.13
CA LEU A 302 -22.20 5.70 15.33
C LEU A 302 -20.77 5.49 15.84
N GLY A 303 -19.81 5.59 14.92
CA GLY A 303 -18.43 5.42 15.28
C GLY A 303 -17.55 6.49 14.68
N ALA A 304 -16.47 6.83 15.37
CA ALA A 304 -15.52 7.82 14.91
C ALA A 304 -14.16 7.17 15.07
N SER A 305 -13.24 7.48 14.18
CA SER A 305 -11.92 6.88 14.26
C SER A 305 -10.81 7.80 13.75
N ALA A 306 -9.66 7.77 14.42
CA ALA A 306 -8.52 8.58 14.02
C ALA A 306 -7.28 7.71 14.03
N THR A 307 -6.66 7.54 12.87
CA THR A 307 -5.46 6.72 12.79
C THR A 307 -4.25 7.54 12.38
N TRP A 308 -3.20 7.45 13.20
CA TRP A 308 -1.95 8.16 12.94
C TRP A 308 -0.96 7.14 12.42
N THR A 309 -0.54 7.28 11.18
CA THR A 309 0.41 6.32 10.61
C THR A 309 1.79 6.96 10.53
N GLU A 310 2.77 6.27 11.11
CA GLU A 310 4.15 6.77 11.13
C GLU A 310 4.87 6.47 9.82
N TRP A 311 4.34 7.02 8.73
CA TRP A 311 4.91 6.82 7.40
C TRP A 311 6.29 7.45 7.29
N SER A 312 6.65 8.25 8.29
CA SER A 312 7.94 8.93 8.28
C SER A 312 9.12 7.97 8.24
N SER A 313 8.89 6.70 8.55
CA SER A 313 9.97 5.73 8.52
C SER A 313 10.37 5.44 7.08
N PHE A 314 9.48 5.72 6.13
CA PHE A 314 9.82 5.50 4.72
C PHE A 314 10.56 6.74 4.20
N GLN A 315 11.86 6.79 4.49
CA GLN A 315 12.70 7.90 4.10
C GLN A 315 13.26 7.74 2.70
N ASP A 316 13.56 6.50 2.32
CA ASP A 316 14.11 6.25 0.99
C ASP A 316 13.94 4.80 0.55
N LEU A 317 14.14 4.56 -0.75
CA LEU A 317 14.06 3.22 -1.30
C LEU A 317 15.47 2.99 -1.80
N THR A 318 16.18 2.07 -1.17
CA THR A 318 17.54 1.82 -1.58
C THR A 318 17.79 0.41 -2.10
N LEU A 319 18.19 0.33 -3.36
CA LEU A 319 18.48 -0.96 -3.96
C LEU A 319 19.92 -1.26 -3.62
N LYS A 320 20.16 -2.43 -3.04
CA LYS A 320 21.50 -2.85 -2.69
C LYS A 320 21.79 -4.17 -3.36
N SER A 321 23.07 -4.44 -3.58
CA SER A 321 23.52 -5.68 -4.18
C SER A 321 24.81 -6.05 -3.47
N HIS A 322 24.81 -7.21 -2.81
CA HIS A 322 25.98 -7.68 -2.07
C HIS A 322 26.36 -6.66 -0.98
N GLY A 323 25.33 -6.15 -0.31
CA GLY A 323 25.55 -5.18 0.76
C GLY A 323 25.87 -3.77 0.30
N ASN A 324 26.14 -3.58 -0.99
CA ASN A 324 26.47 -2.26 -1.51
C ASN A 324 25.31 -1.62 -2.27
N THR A 325 25.21 -0.30 -2.12
CA THR A 325 24.14 0.45 -2.76
C THR A 325 24.30 0.57 -4.28
N ILE A 326 23.24 0.26 -5.00
CA ILE A 326 23.26 0.39 -6.45
C ILE A 326 22.71 1.81 -6.68
N VAL A 327 21.57 2.10 -6.08
CA VAL A 327 20.96 3.41 -6.17
C VAL A 327 20.03 3.62 -4.98
N SER A 328 20.05 4.84 -4.43
CA SER A 328 19.18 5.18 -3.31
C SER A 328 18.27 6.33 -3.74
N ILE A 329 16.96 6.11 -3.64
CA ILE A 329 15.98 7.10 -4.04
C ILE A 329 15.24 7.66 -2.82
N PRO A 330 15.41 8.97 -2.55
CA PRO A 330 14.73 9.57 -1.39
C PRO A 330 13.24 9.74 -1.63
N TYR A 331 12.45 9.52 -0.59
CA TYR A 331 11.01 9.67 -0.70
C TYR A 331 10.50 10.53 0.44
N THR A 332 11.19 10.46 1.57
CA THR A 332 10.85 11.23 2.77
C THR A 332 9.36 11.41 3.03
N TYR A 333 8.64 10.29 3.15
CA TYR A 333 7.21 10.33 3.44
C TYR A 333 6.95 11.04 4.76
N ARG A 334 5.76 11.62 4.89
CA ARG A 334 5.38 12.31 6.11
C ARG A 334 4.38 11.46 6.90
N ASN A 335 4.36 11.64 8.22
CA ASN A 335 3.41 10.91 9.05
C ASN A 335 2.04 11.36 8.59
N THR A 336 1.03 10.52 8.82
CA THR A 336 -0.29 10.87 8.34
C THR A 336 -1.45 10.60 9.31
N TRP A 337 -2.60 11.21 9.00
CA TRP A 337 -3.81 11.04 9.79
C TRP A 337 -4.94 10.59 8.88
N THR A 338 -5.85 9.81 9.44
CA THR A 338 -7.01 9.34 8.69
C THR A 338 -8.18 9.37 9.66
N LEU A 339 -9.15 10.22 9.37
CA LEU A 339 -10.32 10.38 10.22
C LEU A 339 -11.55 9.83 9.52
N ALA A 340 -12.37 9.11 10.26
CA ALA A 340 -13.58 8.52 9.71
C ALA A 340 -14.74 8.63 10.69
N VAL A 341 -15.94 8.71 10.14
CA VAL A 341 -17.14 8.78 10.96
C VAL A 341 -18.23 8.09 10.17
N GLY A 342 -19.00 7.25 10.86
CA GLY A 342 -20.07 6.53 10.21
C GLY A 342 -20.77 5.65 11.23
N GLY A 343 -21.75 4.86 10.78
CA GLY A 343 -22.45 4.01 11.72
C GLY A 343 -23.39 3.01 11.09
N ASP A 344 -24.02 2.22 11.95
CA ASP A 344 -24.96 1.18 11.55
C ASP A 344 -26.37 1.47 12.05
N TYR A 345 -27.36 1.14 11.22
CA TYR A 345 -28.75 1.34 11.58
C TYR A 345 -29.55 0.08 11.28
N LYS A 346 -30.11 -0.53 12.32
CA LYS A 346 -30.90 -1.74 12.13
C LYS A 346 -32.30 -1.35 11.68
N VAL A 347 -32.63 -1.69 10.44
CA VAL A 347 -33.93 -1.37 9.88
C VAL A 347 -34.98 -2.34 10.41
N THR A 348 -34.62 -3.62 10.45
CA THR A 348 -35.48 -4.67 10.95
C THR A 348 -34.60 -5.62 11.73
N ASP A 349 -35.13 -6.79 12.07
CA ASP A 349 -34.35 -7.77 12.79
C ASP A 349 -33.43 -8.50 11.82
N GLN A 350 -33.74 -8.39 10.54
CA GLN A 350 -32.96 -9.03 9.48
C GLN A 350 -32.00 -8.04 8.84
N TRP A 351 -32.55 -6.91 8.38
CA TRP A 351 -31.77 -5.88 7.69
C TRP A 351 -31.11 -4.82 8.54
N THR A 352 -29.93 -4.40 8.10
CA THR A 352 -29.17 -3.35 8.76
C THR A 352 -28.50 -2.54 7.65
N MET A 353 -28.49 -1.22 7.82
CA MET A 353 -27.89 -0.33 6.84
C MET A 353 -26.68 0.40 7.41
N ARG A 354 -25.68 0.61 6.57
CA ARG A 354 -24.46 1.29 6.97
C ARG A 354 -24.07 2.39 6.01
N ALA A 355 -23.31 3.35 6.50
CA ALA A 355 -22.83 4.46 5.71
C ALA A 355 -21.68 5.11 6.47
N GLY A 356 -20.84 5.86 5.76
CA GLY A 356 -19.73 6.51 6.40
C GLY A 356 -18.86 7.25 5.41
N VAL A 357 -17.99 8.10 5.94
CA VAL A 357 -17.07 8.88 5.13
C VAL A 357 -15.77 9.00 5.90
N ALA A 358 -14.66 9.19 5.18
CA ALA A 358 -13.37 9.31 5.84
C ALA A 358 -12.44 10.24 5.08
N TYR A 359 -11.49 10.82 5.81
CA TYR A 359 -10.50 11.69 5.22
C TYR A 359 -9.17 10.99 5.46
N ASP A 360 -8.43 10.76 4.38
CA ASP A 360 -7.16 10.05 4.47
C ASP A 360 -6.02 10.81 3.81
N GLN A 361 -5.06 11.25 4.62
CA GLN A 361 -3.92 12.01 4.10
C GLN A 361 -2.88 11.13 3.43
N THR A 362 -2.34 11.62 2.31
CA THR A 362 -1.31 10.88 1.61
C THR A 362 0.03 11.19 2.28
N PRO A 363 0.92 10.19 2.38
CA PRO A 363 2.23 10.40 3.01
C PRO A 363 3.24 10.94 1.99
N THR A 364 2.85 10.96 0.72
CA THR A 364 3.73 11.46 -0.33
C THR A 364 3.77 12.99 -0.27
N HIS A 365 4.78 13.59 -0.87
CA HIS A 365 4.86 15.05 -0.91
C HIS A 365 5.48 15.45 -2.24
N ASN A 366 5.10 16.64 -2.68
CA ASN A 366 5.49 17.22 -3.96
C ASN A 366 6.92 17.05 -4.45
N ALA A 367 7.90 17.27 -3.58
CA ALA A 367 9.29 17.17 -3.99
C ALA A 367 9.72 15.77 -4.42
N THR A 368 9.08 14.74 -3.87
CA THR A 368 9.47 13.37 -4.18
C THR A 368 8.45 12.45 -4.86
N ARG A 369 7.18 12.86 -4.91
CA ARG A 369 6.18 11.99 -5.52
C ARG A 369 6.54 11.65 -6.96
N ASP A 370 6.39 10.38 -7.32
CA ASP A 370 6.69 9.92 -8.65
C ASP A 370 5.57 9.05 -9.20
N PRO A 371 5.70 8.53 -10.42
CA PRO A 371 4.67 7.69 -11.04
C PRO A 371 4.35 6.34 -10.38
N ARG A 372 5.27 5.83 -9.56
CA ARG A 372 5.04 4.54 -8.88
C ARG A 372 3.83 4.60 -7.95
N ILE A 373 3.81 5.61 -7.09
CA ILE A 373 2.74 5.82 -6.13
C ILE A 373 2.35 7.31 -6.20
N PRO A 374 1.59 7.69 -7.23
CA PRO A 374 1.20 9.10 -7.37
C PRO A 374 -0.12 9.43 -6.67
N ASP A 375 -0.20 9.25 -5.35
CA ASP A 375 -1.48 9.56 -4.71
C ASP A 375 -1.52 10.90 -3.96
N GLY A 376 -2.71 11.26 -3.53
CA GLY A 376 -2.91 12.49 -2.81
C GLY A 376 -3.95 12.22 -1.75
N ASP A 377 -4.32 13.25 -0.99
CA ASP A 377 -5.32 13.08 0.05
C ASP A 377 -6.57 12.46 -0.56
N ARG A 378 -7.25 11.59 0.18
CA ARG A 378 -8.47 10.97 -0.34
C ARG A 378 -9.67 11.19 0.55
N TYR A 379 -10.85 11.20 -0.07
CA TYR A 379 -12.09 11.30 0.67
C TYR A 379 -12.77 9.97 0.39
N PHE A 380 -13.20 9.28 1.43
CA PHE A 380 -13.86 7.98 1.27
C PHE A 380 -15.35 8.12 1.56
N ALA A 381 -16.17 7.57 0.67
CA ALA A 381 -17.62 7.59 0.81
C ALA A 381 -18.10 6.14 0.71
N SER A 382 -18.72 5.62 1.77
CA SER A 382 -19.18 4.24 1.77
C SER A 382 -20.65 4.03 2.13
N LEU A 383 -21.20 2.96 1.58
CA LEU A 383 -22.59 2.53 1.83
C LEU A 383 -22.52 1.03 2.07
N GLY A 384 -23.29 0.54 3.03
CA GLY A 384 -23.28 -0.90 3.32
C GLY A 384 -24.60 -1.44 3.82
N ALA A 385 -24.75 -2.76 3.75
CA ALA A 385 -25.96 -3.42 4.21
C ALA A 385 -25.62 -4.81 4.74
N GLY A 386 -26.40 -5.27 5.73
CA GLY A 386 -26.18 -6.57 6.31
C GLY A 386 -27.48 -7.34 6.49
N TYR A 387 -27.43 -8.64 6.25
CA TYR A 387 -28.62 -9.47 6.38
C TYR A 387 -28.35 -10.74 7.17
N ARG A 388 -29.06 -10.91 8.28
CA ARG A 388 -28.91 -12.12 9.09
C ARG A 388 -30.04 -13.06 8.70
N PHE A 389 -29.69 -14.31 8.42
CA PHE A 389 -30.67 -15.30 7.98
C PHE A 389 -31.74 -15.76 8.96
N GLN A 390 -32.95 -15.86 8.43
CA GLN A 390 -34.15 -16.27 9.16
C GLN A 390 -34.11 -17.71 9.62
N SER A 391 -34.04 -18.64 8.68
CA SER A 391 -34.02 -20.06 8.99
C SER A 391 -32.61 -20.61 9.10
N MET A 392 -31.65 -19.77 9.47
CA MET A 392 -30.28 -20.23 9.58
C MET A 392 -29.71 -20.21 10.99
N PRO A 393 -28.90 -21.23 11.34
CA PRO A 393 -28.25 -21.37 12.64
C PRO A 393 -27.24 -20.25 12.84
N GLU A 394 -27.55 -19.10 12.24
CA GLU A 394 -26.73 -17.91 12.31
C GLU A 394 -25.63 -17.78 11.26
N LEU A 395 -26.04 -17.21 10.13
CA LEU A 395 -25.16 -16.96 9.01
C LEU A 395 -25.60 -15.60 8.49
N SER A 396 -24.68 -14.63 8.51
CA SER A 396 -25.00 -13.31 8.03
C SER A 396 -24.20 -12.94 6.80
N ILE A 397 -24.82 -12.18 5.92
CA ILE A 397 -24.17 -11.74 4.69
C ILE A 397 -24.12 -10.22 4.68
N ASP A 398 -22.99 -9.67 4.24
CA ASP A 398 -22.84 -8.22 4.18
C ASP A 398 -22.30 -7.78 2.84
N ALA A 399 -22.72 -6.59 2.42
CA ALA A 399 -22.28 -6.02 1.16
C ALA A 399 -21.86 -4.58 1.42
N ALA A 400 -20.98 -4.07 0.57
CA ALA A 400 -20.52 -2.71 0.73
C ALA A 400 -19.95 -2.18 -0.58
N TYR A 401 -20.05 -0.87 -0.75
CA TYR A 401 -19.52 -0.19 -1.91
C TYR A 401 -18.82 1.02 -1.34
N SER A 402 -17.61 1.30 -1.84
CA SER A 402 -16.87 2.43 -1.35
C SER A 402 -16.16 3.13 -2.50
N ARG A 403 -16.33 4.46 -2.56
CA ARG A 403 -15.70 5.25 -3.59
C ARG A 403 -14.63 6.11 -2.92
N GLN A 404 -13.47 6.20 -3.55
CA GLN A 404 -12.38 7.00 -3.02
C GLN A 404 -12.08 8.13 -4.00
N PHE A 405 -12.30 9.36 -3.56
CA PHE A 405 -12.03 10.52 -4.38
C PHE A 405 -10.65 11.02 -4.00
N VAL A 406 -9.71 10.91 -4.94
CA VAL A 406 -8.33 11.34 -4.71
C VAL A 406 -8.12 12.67 -5.41
N LYS A 407 -7.50 13.62 -4.71
CA LYS A 407 -7.26 14.90 -5.33
C LYS A 407 -6.16 14.78 -6.39
N GLU A 408 -6.28 15.59 -7.43
CA GLU A 408 -5.31 15.60 -8.50
C GLU A 408 -4.02 16.17 -7.92
N VAL A 409 -2.90 15.47 -8.11
CA VAL A 409 -1.63 15.92 -7.57
C VAL A 409 -0.58 16.16 -8.62
N PRO A 410 0.39 17.03 -8.31
CA PRO A 410 1.47 17.34 -9.26
C PRO A 410 2.62 16.35 -9.14
N LEU A 411 3.34 16.18 -10.24
CA LEU A 411 4.52 15.33 -10.28
C LEU A 411 5.61 16.24 -10.83
N LYS A 412 6.62 16.49 -10.01
CA LYS A 412 7.73 17.37 -10.38
C LYS A 412 9.02 16.59 -10.20
N THR A 413 8.91 15.27 -10.33
CA THR A 413 10.03 14.37 -10.15
C THR A 413 11.31 14.69 -10.94
N VAL A 414 12.43 14.67 -10.23
CA VAL A 414 13.73 14.92 -10.83
C VAL A 414 14.57 13.67 -10.54
N ASN A 415 15.24 13.13 -11.56
CA ASN A 415 16.08 11.96 -11.36
C ASN A 415 17.52 12.37 -11.01
N GLN A 416 18.12 11.67 -10.06
CA GLN A 416 19.49 11.96 -9.67
C GLN A 416 20.42 11.64 -10.85
N ASP A 417 21.69 12.03 -10.74
CA ASP A 417 22.65 11.80 -11.82
C ASP A 417 22.70 10.37 -12.39
N ARG A 418 22.93 9.37 -11.55
CA ARG A 418 23.03 8.00 -12.05
C ARG A 418 21.75 7.44 -12.68
N LEU A 419 20.64 8.14 -12.50
CA LEU A 419 19.38 7.70 -13.09
C LEU A 419 19.01 8.46 -14.36
N GLY A 420 19.97 9.23 -14.89
CA GLY A 420 19.73 9.96 -16.12
C GLY A 420 19.48 11.47 -16.05
N GLY A 421 19.25 12.00 -14.86
CA GLY A 421 19.03 13.43 -14.71
C GLY A 421 17.78 14.05 -15.33
N GLY A 422 16.80 13.23 -15.70
CA GLY A 422 15.59 13.77 -16.31
C GLY A 422 14.61 14.31 -15.28
N ARG A 423 13.47 14.82 -15.74
CA ARG A 423 12.48 15.35 -14.81
C ARG A 423 11.08 15.34 -15.39
N LEU A 424 10.09 15.27 -14.51
CA LEU A 424 8.70 15.28 -14.93
C LEU A 424 8.05 16.61 -14.56
N ASP A 425 7.02 16.98 -15.30
CA ASP A 425 6.28 18.20 -15.03
C ASP A 425 4.84 17.94 -15.46
N GLY A 426 4.03 17.43 -14.53
CA GLY A 426 2.65 17.13 -14.86
C GLY A 426 1.85 16.79 -13.63
N ARG A 427 0.75 16.06 -13.81
CA ARG A 427 -0.09 15.68 -12.69
C ARG A 427 -0.76 14.34 -12.89
N ALA A 428 -1.00 13.66 -11.79
CA ALA A 428 -1.63 12.35 -11.82
C ALA A 428 -3.05 12.47 -11.33
N THR A 429 -3.94 11.75 -12.00
CA THR A 429 -5.34 11.75 -11.64
C THR A 429 -5.67 10.30 -11.32
N SER A 430 -6.20 10.07 -10.13
CA SER A 430 -6.55 8.73 -9.69
C SER A 430 -7.97 8.66 -9.18
N LYS A 431 -8.54 7.47 -9.24
CA LYS A 431 -9.89 7.21 -8.79
C LYS A 431 -9.92 5.80 -8.25
N GLY A 432 -10.72 5.57 -7.22
CA GLY A 432 -10.78 4.24 -6.66
C GLY A 432 -12.18 3.85 -6.21
N GLN A 433 -12.48 2.57 -6.31
CA GLN A 433 -13.77 2.09 -5.85
C GLN A 433 -13.59 0.65 -5.42
N VAL A 434 -14.30 0.27 -4.36
CA VAL A 434 -14.21 -1.08 -3.82
C VAL A 434 -15.59 -1.71 -3.63
N PHE A 435 -15.69 -2.97 -4.00
CA PHE A 435 -16.92 -3.74 -3.84
C PHE A 435 -16.54 -4.78 -2.81
N SER A 436 -17.34 -4.90 -1.75
CA SER A 436 -17.04 -5.83 -0.68
C SER A 436 -18.20 -6.77 -0.36
N LEU A 437 -17.88 -8.01 0.00
CA LEU A 437 -18.88 -9.01 0.32
C LEU A 437 -18.30 -9.97 1.35
N SER A 438 -19.06 -10.26 2.41
CA SER A 438 -18.58 -11.17 3.45
C SER A 438 -19.65 -12.10 3.99
N ALA A 439 -19.20 -13.20 4.58
CA ALA A 439 -20.09 -14.19 5.18
C ALA A 439 -19.59 -14.40 6.60
N THR A 440 -20.46 -14.18 7.57
CA THR A 440 -20.08 -14.34 8.96
C THR A 440 -20.88 -15.49 9.57
N TYR A 441 -20.18 -16.45 10.17
CA TYR A 441 -20.85 -17.59 10.79
C TYR A 441 -20.68 -17.56 12.30
N ASP A 442 -21.79 -17.33 12.99
CA ASP A 442 -21.81 -17.27 14.44
C ASP A 442 -22.10 -18.64 15.03
N PHE A 443 -21.26 -19.62 14.72
CA PHE A 443 -21.47 -20.96 15.25
C PHE A 443 -21.20 -21.09 16.74
N HIS A 444 -22.26 -20.96 17.52
CA HIS A 444 -22.18 -21.06 18.96
C HIS A 444 -23.56 -20.84 19.58
S SO4 B . 19.96 -2.56 5.44
O1 SO4 B . 21.18 -2.23 6.19
O2 SO4 B . 19.21 -1.32 5.15
O3 SO4 B . 19.14 -3.47 6.26
O4 SO4 B . 20.31 -3.23 4.17
C1 C8E C . 20.30 1.80 -11.08
C2 C8E C . 21.52 2.57 -11.26
C3 C8E C . 22.06 2.54 -12.62
C4 C8E C . 23.34 3.23 -12.58
C5 C8E C . 23.81 3.40 -13.97
C6 C8E C . 25.02 4.19 -13.99
C7 C8E C . 25.41 4.01 -15.38
C8 C8E C . 26.69 4.70 -15.56
O9 C8E C . 27.44 4.87 -16.75
C10 C8E C . 27.90 3.73 -17.45
C11 C8E C . 28.67 4.29 -18.61
O12 C8E C . 28.06 3.96 -19.87
C13 C8E C . 28.63 4.67 -21.00
C14 C8E C . 28.23 4.50 -22.49
O15 C8E C . 27.13 3.81 -23.15
C16 C8E C . 27.49 2.45 -23.46
C17 C8E C . 28.14 2.25 -24.84
O18 C8E C . 29.08 1.18 -25.12
C19 C8E C . 30.46 1.59 -24.89
C20 C8E C . 31.64 0.57 -24.70
O21 C8E C . 32.83 1.02 -24.05
C1 C8E D . 5.80 8.15 -3.97
C2 C8E D . 6.40 6.95 -4.54
C3 C8E D . 6.92 6.00 -3.56
C4 C8E D . 7.38 4.84 -4.31
C5 C8E D . 7.46 3.68 -3.38
C6 C8E D . 7.45 2.44 -4.13
C7 C8E D . 8.05 1.55 -3.15
C8 C8E D . 7.38 0.24 -3.21
O9 C8E D . 7.99 -1.04 -3.30
C10 C8E D . 8.80 -1.33 -4.43
C11 C8E D . 9.29 -2.73 -4.23
O12 C8E D . 10.60 -2.71 -3.64
C13 C8E D . 11.69 -3.21 -4.48
C14 C8E D . 12.48 -2.38 -5.54
O15 C8E D . 13.91 -2.19 -5.76
C16 C8E D . 14.43 -1.05 -5.04
C17 C8E D . 14.40 0.28 -5.81
O18 C8E D . 14.23 0.36 -7.25
C19 C8E D . 15.49 0.34 -7.97
C20 C8E D . 15.92 1.47 -8.98
O21 C8E D . 15.62 1.31 -10.38
C1 C8E E . -2.07 -6.88 -5.80
C2 C8E E . -2.16 -5.42 -5.73
C3 C8E E . -2.41 -4.90 -4.39
C4 C8E E . -3.84 -4.65 -4.28
C5 C8E E . -4.03 -3.32 -3.65
C6 C8E E . -5.37 -3.23 -3.10
C7 C8E E . -5.42 -1.82 -2.79
C8 C8E E . -6.72 -1.30 -3.23
O9 C8E E . -7.37 -0.14 -2.76
C10 C8E E . -7.72 -0.02 -1.40
C11 C8E E . -8.37 1.33 -1.29
O12 C8E E . -7.49 2.38 -1.76
C13 C8E E . -8.13 3.65 -2.03
C14 C8E E . -7.68 4.69 -3.11
O15 C8E E . -7.38 4.54 -4.52
C16 C8E E . -5.98 4.25 -4.73
C17 C8E E . -5.09 5.49 -4.91
O18 C8E E . -4.52 5.86 -6.19
C19 C8E E . -3.21 5.26 -6.41
C20 C8E E . -1.87 6.09 -6.49
O21 C8E E . -0.99 6.05 -5.38
C2 C8E F . -15.99 14.58 -3.45
C3 C8E F . -15.33 15.87 -3.58
C4 C8E F . -14.19 15.69 -4.46
C5 C8E F . -12.97 16.29 -3.83
C6 C8E F . -11.75 15.63 -4.26
C7 C8E F . -11.44 14.81 -3.09
C8 C8E F . -9.99 14.89 -2.75
O9 C8E F . -9.44 15.02 -1.45
C10 C8E F . -9.77 16.16 -0.68
C11 C8E F . -9.04 16.01 0.64
C1 C8E G . -24.06 7.98 9.38
C2 C8E G . -25.05 7.02 9.85
C3 C8E G . -25.18 5.82 9.02
C4 C8E G . -26.43 5.93 8.30
C5 C8E G . -27.12 4.62 8.32
C6 C8E G . -28.51 4.77 7.97
C2 C8E H . 3.88 -10.58 22.33
C3 C8E H . 2.64 -10.74 21.57
C4 C8E H . 1.81 -11.68 22.30
C5 C8E H . 1.09 -12.54 21.33
C6 C8E H . 0.62 -13.73 22.00
C7 C8E H . -0.54 -14.04 21.17
C8 C8E H . -0.42 -15.42 20.67
O9 C8E H . -0.78 -15.89 19.39
C2 C8E I . 1.85 13.23 16.91
C3 C8E I . 1.94 11.82 17.29
C4 C8E I . 0.76 11.50 18.07
C5 C8E I . 0.30 10.13 17.71
C6 C8E I . -0.66 9.66 18.69
C7 C8E I . -1.78 9.37 17.81
C8 C8E I . -2.71 8.45 18.48
O9 C8E I . -4.01 8.08 18.03
C1 C8E J . -28.67 -0.08 0.34
C2 C8E J . -27.66 0.38 1.28
C3 C8E J . -27.57 1.84 1.42
C4 C8E J . -27.99 2.16 2.77
C5 C8E J . -27.32 3.41 3.20
C6 C8E J . -28.31 4.41 3.56
C7 C8E J . -27.52 5.25 4.43
C8 C8E J . -28.10 6.60 4.43
O9 C8E J . -27.49 7.80 3.99
C10 C8E J . -26.29 8.25 4.63
C1 C8E K . -5.50 17.44 9.62
C2 C8E K . -5.97 16.61 10.73
C3 C8E K . -5.37 16.92 12.03
C4 C8E K . -5.41 15.70 12.82
C5 C8E K . -5.94 16.03 14.17
C6 C8E K . -6.96 15.05 14.55
C7 C8E K . -6.48 14.70 15.87
C8 C8E K . -7.33 13.62 16.41
C1 C8E L . -6.68 -17.46 9.35
C2 C8E L . -8.07 -17.66 9.72
C3 C8E L . -9.04 -17.09 8.78
C4 C8E L . -10.36 -17.43 9.28
C5 C8E L . -11.11 -18.11 8.19
C6 C8E L . -12.50 -18.28 8.56
C1 C8E M . 13.54 -12.12 10.54
C2 C8E M . 12.37 -12.72 9.93
C3 C8E M . 12.30 -14.17 10.05
C4 C8E M . 10.91 -14.54 9.79
C5 C8E M . 10.64 -15.84 10.45
C6 C8E M . 9.54 -15.70 11.38
C7 C8E M . 10.24 -15.97 12.63
C8 C8E M . 9.25 -16.54 13.57
O9 C8E M . 8.41 -15.85 14.47
C10 C8E M . 9.01 -15.05 15.49
C11 C8E M . 7.86 -14.46 16.25
O12 C8E M . 7.30 -15.40 17.19
#